data_6MBX
#
_entry.id   6MBX
#
_cell.length_a   102.608
_cell.length_b   59.237
_cell.length_c   82.911
_cell.angle_alpha   90.00
_cell.angle_beta   90.02
_cell.angle_gamma   90.00
#
_symmetry.space_group_name_H-M   'C 1 2 1'
#
loop_
_entity.id
_entity.type
_entity.pdbx_description
1 polymer Profilin
2 water water
#
_entity_poly.entity_id   1
_entity_poly.type   'polypeptide(L)'
_entity_poly.pdbx_seq_one_letter_code
;MHHHHHHSSGVDLGTENLYFQSGSGSWQVYVDEHLMCEIEGNHLTSAAIIGQDGSVWAQSQNFPQLKPEEVAGIVGDFAD
PGTLAPTGLYIGGTKYMVIQGEPGAVIRGKKGPGGATVKKTGMALVIGIYDEPMTPGQCNMIVERLGDYLIDQGL
;
_entity_poly.pdbx_strand_id   A,B,C
#
# COMPACT_ATOMS: atom_id res chain seq x y z
N SER A 26 -22.81 -1.41 1.34
CA SER A 26 -22.47 -2.26 2.52
C SER A 26 -21.15 -2.97 2.24
N TRP A 27 -20.96 -4.17 2.80
CA TRP A 27 -19.87 -5.00 2.33
C TRP A 27 -20.28 -5.66 1.00
N GLN A 28 -21.59 -5.62 0.66
CA GLN A 28 -22.06 -6.16 -0.61
C GLN A 28 -21.49 -5.34 -1.77
N VAL A 29 -21.62 -4.02 -1.70
CA VAL A 29 -21.08 -3.15 -2.74
C VAL A 29 -19.63 -3.56 -3.04
N TYR A 30 -18.85 -3.89 -2.00
CA TYR A 30 -17.46 -4.27 -2.11
C TYR A 30 -17.30 -5.63 -2.82
N VAL A 31 -18.34 -6.50 -2.73
CA VAL A 31 -18.27 -7.77 -3.40
C VAL A 31 -18.80 -7.66 -4.84
N ASP A 32 -19.82 -6.83 -5.04
CA ASP A 32 -20.51 -6.75 -6.32
C ASP A 32 -19.70 -5.91 -7.30
N GLU A 33 -19.05 -4.85 -6.81
CA GLU A 33 -18.39 -3.87 -7.67
C GLU A 33 -16.90 -4.21 -7.87
N HIS A 34 -16.23 -4.71 -6.83
CA HIS A 34 -14.77 -4.79 -6.84
C HIS A 34 -14.28 -6.23 -7.04
N LEU A 35 -15.10 -7.24 -6.72
CA LEU A 35 -14.70 -8.65 -6.89
C LEU A 35 -15.41 -9.30 -8.09
N MET A 36 -16.72 -9.10 -8.24
CA MET A 36 -17.50 -9.78 -9.27
C MET A 36 -17.55 -8.96 -10.57
N CYS A 37 -16.82 -7.83 -10.62
CA CYS A 37 -16.74 -7.01 -11.82
C CYS A 37 -15.94 -7.76 -12.88
N GLU A 38 -16.36 -7.61 -14.15
CA GLU A 38 -15.84 -8.39 -15.26
C GLU A 38 -14.60 -7.70 -15.83
N ILE A 39 -13.55 -8.49 -16.03
CA ILE A 39 -12.39 -8.02 -16.71
C ILE A 39 -12.39 -8.63 -18.13
N GLU A 40 -12.44 -7.75 -19.13
CA GLU A 40 -12.68 -8.11 -20.52
C GLU A 40 -14.07 -8.76 -20.60
N GLY A 41 -14.13 -10.06 -20.94
CA GLY A 41 -15.40 -10.76 -21.06
C GLY A 41 -15.94 -11.26 -19.73
N ASN A 42 -15.10 -11.99 -18.99
CA ASN A 42 -15.61 -12.92 -17.98
C ASN A 42 -15.47 -12.30 -16.58
N HIS A 43 -15.92 -13.05 -15.57
CA HIS A 43 -15.79 -12.69 -14.16
C HIS A 43 -15.70 -13.96 -13.30
N LEU A 44 -15.46 -13.78 -12.00
CA LEU A 44 -15.28 -14.89 -11.06
C LEU A 44 -16.59 -15.67 -10.96
N THR A 45 -16.45 -16.97 -10.64
CA THR A 45 -17.58 -17.87 -10.40
C THR A 45 -18.30 -17.46 -9.10
N SER A 46 -17.53 -17.26 -8.04
CA SER A 46 -18.05 -16.78 -6.75
C SER A 46 -16.94 -16.07 -5.98
N ALA A 47 -17.35 -15.22 -5.02
CA ALA A 47 -16.43 -14.39 -4.27
C ALA A 47 -17.05 -14.01 -2.91
N ALA A 48 -16.20 -13.78 -1.91
CA ALA A 48 -16.63 -13.46 -0.57
C ALA A 48 -15.55 -12.73 0.22
N ILE A 49 -16.01 -11.91 1.19
CA ILE A 49 -15.22 -11.30 2.23
C ILE A 49 -15.72 -11.91 3.53
N ILE A 50 -14.84 -12.60 4.25
CA ILE A 50 -15.20 -13.43 5.38
C ILE A 50 -14.29 -13.03 6.54
N GLY A 51 -14.89 -12.76 7.72
CA GLY A 51 -14.09 -12.53 8.91
C GLY A 51 -13.22 -13.75 9.18
N GLN A 52 -12.02 -13.55 9.73
CA GLN A 52 -11.13 -14.64 10.11
C GLN A 52 -11.78 -15.50 11.21
N ASP A 53 -12.87 -14.96 11.81
CA ASP A 53 -13.75 -15.68 12.73
C ASP A 53 -14.58 -16.74 12.00
N GLY A 54 -14.99 -16.44 10.75
CA GLY A 54 -15.87 -17.30 9.96
C GLY A 54 -17.11 -16.55 9.47
N SER A 55 -17.27 -15.29 9.96
CA SER A 55 -18.51 -14.55 9.73
C SER A 55 -18.41 -13.95 8.32
N VAL A 56 -19.37 -14.34 7.48
CA VAL A 56 -19.51 -13.76 6.19
C VAL A 56 -19.74 -12.26 6.39
N TRP A 57 -19.01 -11.38 5.68
CA TRP A 57 -19.34 -9.96 5.72
C TRP A 57 -20.30 -9.66 4.57
N ALA A 58 -19.93 -10.15 3.37
CA ALA A 58 -20.81 -10.33 2.23
C ALA A 58 -20.24 -11.45 1.32
N GLN A 59 -21.14 -12.08 0.56
CA GLN A 59 -20.81 -13.04 -0.47
C GLN A 59 -21.59 -12.71 -1.75
N SER A 60 -21.14 -13.31 -2.88
CA SER A 60 -21.84 -13.23 -4.18
C SER A 60 -22.94 -14.31 -4.23
N GLN A 61 -23.90 -14.13 -5.15
CA GLN A 61 -25.11 -14.98 -5.28
C GLN A 61 -24.79 -16.47 -5.06
N ASN A 62 -23.71 -16.97 -5.69
CA ASN A 62 -23.48 -18.44 -5.74
C ASN A 62 -22.21 -18.85 -4.98
N PHE A 63 -21.82 -18.11 -3.93
CA PHE A 63 -20.64 -18.50 -3.12
C PHE A 63 -21.11 -19.60 -2.18
N PRO A 64 -20.32 -20.68 -2.01
CA PRO A 64 -20.72 -21.79 -1.16
C PRO A 64 -20.71 -21.39 0.32
N GLN A 65 -21.63 -21.98 1.08
CA GLN A 65 -21.47 -22.06 2.50
C GLN A 65 -20.13 -22.75 2.76
N LEU A 66 -19.44 -22.27 3.79
CA LEU A 66 -18.04 -22.43 3.98
C LEU A 66 -17.81 -23.11 5.34
N LYS A 67 -17.60 -24.43 5.33
CA LYS A 67 -17.54 -25.24 6.54
C LYS A 67 -16.53 -24.62 7.52
N PRO A 68 -16.71 -24.80 8.85
CA PRO A 68 -15.85 -24.14 9.84
C PRO A 68 -14.44 -24.73 9.79
N GLU A 69 -14.34 -26.07 9.65
CA GLU A 69 -13.08 -26.78 9.53
C GLU A 69 -12.24 -26.11 8.43
N GLU A 70 -12.90 -25.65 7.37
CA GLU A 70 -12.24 -25.05 6.22
C GLU A 70 -11.63 -23.69 6.59
N VAL A 71 -12.40 -22.82 7.24
CA VAL A 71 -11.96 -21.47 7.57
C VAL A 71 -10.71 -21.56 8.46
N ALA A 72 -10.74 -22.46 9.45
CA ALA A 72 -9.57 -22.73 10.28
C ALA A 72 -8.33 -23.00 9.43
N GLY A 73 -8.40 -24.05 8.59
CA GLY A 73 -7.28 -24.50 7.76
C GLY A 73 -6.64 -23.35 7.01
N ILE A 74 -7.50 -22.46 6.50
CA ILE A 74 -7.10 -21.24 5.78
C ILE A 74 -6.32 -20.33 6.73
N VAL A 75 -6.94 -19.99 7.86
CA VAL A 75 -6.42 -18.93 8.74
C VAL A 75 -5.04 -19.32 9.27
N GLY A 76 -4.84 -20.62 9.54
CA GLY A 76 -3.66 -21.13 10.22
C GLY A 76 -2.57 -21.55 9.25
N ASP A 77 -2.84 -21.39 7.95
CA ASP A 77 -1.85 -21.57 6.89
C ASP A 77 -1.11 -20.25 6.65
N PHE A 78 -1.70 -19.13 7.10
CA PHE A 78 -1.05 -17.82 7.01
C PHE A 78 -0.06 -17.67 8.16
N ALA A 79 -0.46 -18.13 9.36
CA ALA A 79 0.36 -18.08 10.58
C ALA A 79 1.64 -18.94 10.43
N ASP A 80 1.46 -20.18 9.96
CA ASP A 80 2.54 -21.13 9.68
C ASP A 80 2.41 -21.60 8.23
N PRO A 81 2.98 -20.85 7.25
CA PRO A 81 2.97 -21.24 5.83
C PRO A 81 3.17 -22.72 5.49
N GLY A 82 2.31 -23.25 4.61
CA GLY A 82 2.43 -24.61 4.08
C GLY A 82 1.72 -25.66 4.93
N THR A 83 1.10 -25.25 6.04
CA THR A 83 0.39 -26.17 6.96
C THR A 83 -0.73 -26.94 6.25
N LEU A 84 -1.32 -26.33 5.22
CA LEU A 84 -2.51 -26.83 4.54
C LEU A 84 -2.16 -27.85 3.46
N ALA A 85 -0.89 -27.83 3.03
CA ALA A 85 -0.41 -28.49 1.81
C ALA A 85 -0.88 -29.95 1.72
N PRO A 86 -0.76 -30.78 2.79
CA PRO A 86 -1.19 -32.18 2.72
C PRO A 86 -2.65 -32.36 2.30
N THR A 87 -3.56 -31.70 3.04
CA THR A 87 -5.01 -31.82 2.80
C THR A 87 -5.41 -30.93 1.63
N GLY A 88 -4.88 -29.71 1.65
CA GLY A 88 -5.04 -28.74 0.59
C GLY A 88 -6.22 -27.83 0.87
N LEU A 89 -6.38 -26.82 0.03
CA LEU A 89 -7.39 -25.78 0.18
C LEU A 89 -8.78 -26.38 -0.04
N TYR A 90 -9.56 -26.40 1.04
CA TYR A 90 -10.97 -26.78 1.04
C TYR A 90 -11.83 -25.52 1.24
N ILE A 91 -12.74 -25.28 0.26
CA ILE A 91 -13.72 -24.21 0.24
C ILE A 91 -15.06 -24.81 -0.21
N GLY A 92 -15.99 -24.88 0.75
CA GLY A 92 -17.35 -25.40 0.52
C GLY A 92 -17.38 -26.84 0.05
N GLY A 93 -16.54 -27.68 0.67
CA GLY A 93 -16.41 -29.08 0.30
C GLY A 93 -15.40 -29.31 -0.83
N THR A 94 -15.15 -28.29 -1.67
CA THR A 94 -14.35 -28.49 -2.88
C THR A 94 -12.87 -28.48 -2.49
N LYS A 95 -12.13 -29.48 -3.00
CA LYS A 95 -10.66 -29.60 -2.87
C LYS A 95 -9.98 -28.82 -4.00
N TYR A 96 -8.98 -28.02 -3.61
CA TYR A 96 -8.10 -27.27 -4.50
C TYR A 96 -6.67 -27.57 -4.08
N MET A 97 -5.80 -27.97 -5.02
CA MET A 97 -4.39 -28.15 -4.73
C MET A 97 -3.77 -26.77 -4.55
N VAL A 98 -2.84 -26.68 -3.60
CA VAL A 98 -2.06 -25.48 -3.25
C VAL A 98 -1.00 -25.18 -4.34
N ILE A 99 -1.18 -24.05 -5.02
CA ILE A 99 -0.20 -23.41 -5.92
C ILE A 99 0.77 -22.57 -5.08
N GLN A 100 1.84 -22.04 -5.71
CA GLN A 100 2.64 -20.98 -5.01
C GLN A 100 1.67 -19.86 -4.56
N GLY A 101 1.69 -19.60 -3.25
CA GLY A 101 1.01 -18.43 -2.69
C GLY A 101 2.00 -17.31 -2.52
N GLU A 102 1.69 -16.39 -1.60
CA GLU A 102 2.67 -15.54 -0.94
C GLU A 102 2.72 -15.95 0.52
N PRO A 103 3.90 -15.93 1.18
CA PRO A 103 4.01 -16.35 2.57
C PRO A 103 3.24 -15.44 3.52
N GLY A 104 2.10 -15.95 4.01
CA GLY A 104 1.30 -15.31 5.05
C GLY A 104 0.34 -14.25 4.53
N ALA A 105 0.11 -14.21 3.20
CA ALA A 105 -0.60 -13.09 2.55
C ALA A 105 -1.60 -13.61 1.52
N VAL A 106 -1.17 -14.51 0.64
CA VAL A 106 -2.02 -15.07 -0.35
C VAL A 106 -1.88 -16.58 -0.35
N ILE A 107 -3.03 -17.25 -0.48
CA ILE A 107 -3.09 -18.66 -0.66
C ILE A 107 -3.83 -18.88 -1.97
N ARG A 108 -3.26 -19.78 -2.80
CA ARG A 108 -3.74 -20.02 -4.12
C ARG A 108 -3.97 -21.54 -4.30
N GLY A 109 -5.01 -21.82 -5.08
CA GLY A 109 -5.61 -23.09 -5.19
C GLY A 109 -5.96 -23.38 -6.63
N LYS A 110 -5.61 -24.62 -7.02
CA LYS A 110 -5.74 -25.13 -8.34
C LYS A 110 -6.69 -26.34 -8.30
N LYS A 111 -7.71 -26.30 -9.16
CA LYS A 111 -8.62 -27.39 -9.39
C LYS A 111 -8.88 -27.46 -10.89
N GLY A 112 -8.20 -28.39 -11.57
CA GLY A 112 -8.19 -28.41 -13.00
C GLY A 112 -7.94 -27.02 -13.56
N PRO A 113 -8.75 -26.57 -14.55
CA PRO A 113 -8.54 -25.29 -15.20
C PRO A 113 -8.88 -24.11 -14.26
N GLY A 114 -9.92 -24.28 -13.44
CA GLY A 114 -10.38 -23.25 -12.46
C GLY A 114 -9.57 -23.27 -11.17
N GLY A 115 -9.82 -22.29 -10.29
CA GLY A 115 -9.19 -22.28 -8.99
C GLY A 115 -9.77 -21.24 -8.06
N ALA A 116 -8.93 -20.86 -7.09
CA ALA A 116 -9.30 -19.99 -6.03
C ALA A 116 -8.08 -19.20 -5.54
N THR A 117 -8.31 -17.95 -5.15
CA THR A 117 -7.36 -17.16 -4.46
C THR A 117 -7.95 -16.70 -3.11
N VAL A 118 -7.13 -16.76 -2.05
CA VAL A 118 -7.51 -16.30 -0.76
C VAL A 118 -6.47 -15.31 -0.25
N LYS A 119 -6.88 -14.03 -0.08
CA LYS A 119 -6.00 -12.97 0.37
C LYS A 119 -6.36 -12.59 1.81
N LYS A 120 -5.36 -12.62 2.70
CA LYS A 120 -5.58 -12.37 4.13
C LYS A 120 -5.53 -10.86 4.41
N THR A 121 -6.42 -10.38 5.30
CA THR A 121 -6.34 -8.98 5.76
C THR A 121 -6.07 -9.01 7.28
N GLY A 122 -6.11 -7.83 7.90
CA GLY A 122 -6.12 -7.74 9.35
C GLY A 122 -7.10 -8.76 9.93
N MET A 123 -8.37 -8.56 9.59
CA MET A 123 -9.50 -9.22 10.26
C MET A 123 -10.11 -10.31 9.38
N ALA A 124 -9.89 -10.21 8.06
CA ALA A 124 -10.77 -10.88 7.13
C ALA A 124 -9.93 -11.61 6.03
N LEU A 125 -10.67 -12.27 5.15
CA LEU A 125 -10.21 -13.01 4.04
C LEU A 125 -11.01 -12.52 2.84
N VAL A 126 -10.33 -12.25 1.72
CA VAL A 126 -10.98 -12.01 0.46
C VAL A 126 -10.81 -13.29 -0.33
N ILE A 127 -11.92 -13.86 -0.79
CA ILE A 127 -11.88 -15.09 -1.46
C ILE A 127 -12.54 -14.91 -2.82
N GLY A 128 -11.82 -15.34 -3.89
CA GLY A 128 -12.33 -15.42 -5.22
C GLY A 128 -12.14 -16.83 -5.78
N ILE A 129 -13.10 -17.26 -6.61
CA ILE A 129 -13.08 -18.57 -7.17
C ILE A 129 -13.37 -18.40 -8.66
N TYR A 130 -12.48 -18.94 -9.49
CA TYR A 130 -12.54 -18.70 -10.90
C TYR A 130 -12.71 -20.06 -11.58
N ASP A 131 -13.41 -20.02 -12.70
CA ASP A 131 -13.45 -21.12 -13.63
C ASP A 131 -13.05 -20.57 -14.99
N GLU A 132 -12.42 -21.44 -15.82
CA GLU A 132 -12.08 -21.08 -17.19
C GLU A 132 -13.37 -20.57 -17.85
N PRO A 133 -13.25 -19.68 -18.86
CA PRO A 133 -12.00 -19.24 -19.45
C PRO A 133 -11.21 -18.18 -18.66
N MET A 134 -11.67 -17.86 -17.44
CA MET A 134 -11.00 -16.89 -16.60
C MET A 134 -9.70 -17.51 -16.09
N THR A 135 -8.68 -16.65 -15.92
CA THR A 135 -7.32 -17.07 -15.65
C THR A 135 -6.98 -16.91 -14.18
N PRO A 136 -5.91 -17.57 -13.71
CA PRO A 136 -5.46 -17.36 -12.32
C PRO A 136 -5.05 -15.89 -12.16
N GLY A 137 -4.42 -15.35 -13.20
CA GLY A 137 -3.97 -14.00 -13.20
C GLY A 137 -5.08 -12.99 -12.88
N GLN A 138 -6.23 -13.20 -13.51
CA GLN A 138 -7.33 -12.29 -13.47
C GLN A 138 -7.97 -12.37 -12.06
N CYS A 139 -7.94 -13.57 -11.47
CA CYS A 139 -8.45 -13.85 -10.16
C CYS A 139 -7.54 -13.24 -9.10
N ASN A 140 -6.23 -13.43 -9.28
CA ASN A 140 -5.21 -12.90 -8.39
C ASN A 140 -5.29 -11.36 -8.34
N MET A 141 -5.50 -10.76 -9.52
CA MET A 141 -5.57 -9.32 -9.67
C MET A 141 -6.66 -8.73 -8.75
N ILE A 142 -7.84 -9.34 -8.84
CA ILE A 142 -9.05 -8.84 -8.31
C ILE A 142 -9.09 -9.05 -6.80
N VAL A 143 -8.75 -10.28 -6.36
CA VAL A 143 -8.73 -10.63 -4.98
C VAL A 143 -7.63 -9.89 -4.22
N GLU A 144 -6.42 -9.87 -4.75
CA GLU A 144 -5.30 -9.25 -3.98
C GLU A 144 -5.38 -7.72 -3.94
N ARG A 145 -5.86 -7.11 -5.03
CA ARG A 145 -6.06 -5.63 -5.12
C ARG A 145 -7.03 -5.15 -4.01
N LEU A 146 -8.20 -5.80 -3.91
CA LEU A 146 -9.16 -5.48 -2.87
C LEU A 146 -8.51 -5.70 -1.51
N GLY A 147 -7.87 -6.84 -1.34
CA GLY A 147 -7.19 -7.18 -0.11
C GLY A 147 -6.37 -6.02 0.42
N ASP A 148 -5.47 -5.52 -0.46
CA ASP A 148 -4.50 -4.47 -0.11
C ASP A 148 -5.21 -3.15 0.23
N TYR A 149 -6.39 -2.92 -0.36
CA TYR A 149 -7.23 -1.80 0.03
C TYR A 149 -7.71 -1.94 1.49
N LEU A 150 -8.35 -3.06 1.81
CA LEU A 150 -8.86 -3.31 3.12
C LEU A 150 -7.73 -3.24 4.16
N ILE A 151 -6.53 -3.66 3.79
CA ILE A 151 -5.42 -3.62 4.73
C ILE A 151 -5.07 -2.15 5.04
N ASP A 152 -4.95 -1.35 3.98
CA ASP A 152 -4.65 0.09 4.01
C ASP A 152 -5.59 0.78 5.02
N GLN A 153 -6.82 0.28 5.08
CA GLN A 153 -7.90 0.86 5.87
C GLN A 153 -8.01 0.23 7.26
N GLY A 154 -7.09 -0.65 7.65
CA GLY A 154 -7.00 -1.19 9.02
C GLY A 154 -7.77 -2.49 9.23
N LEU A 155 -8.43 -2.97 8.17
CA LEU A 155 -9.22 -4.18 8.22
C LEU A 155 -8.37 -5.38 7.74
N SER B 26 -10.85 -1.32 -26.78
CA SER B 26 -9.44 -0.99 -27.21
C SER B 26 -8.55 -0.93 -25.98
N TRP B 27 -7.53 -0.10 -26.00
CA TRP B 27 -6.82 0.23 -24.77
C TRP B 27 -7.66 1.23 -23.96
N GLN B 28 -8.67 1.85 -24.61
CA GLN B 28 -9.55 2.80 -23.91
C GLN B 28 -10.37 2.05 -22.87
N VAL B 29 -11.00 0.94 -23.26
CA VAL B 29 -11.77 0.14 -22.33
C VAL B 29 -10.94 -0.11 -21.07
N TYR B 30 -9.65 -0.38 -21.24
CA TYR B 30 -8.75 -0.65 -20.13
C TYR B 30 -8.50 0.59 -19.28
N VAL B 31 -8.67 1.79 -19.83
CA VAL B 31 -8.49 3.00 -19.06
C VAL B 31 -9.82 3.43 -18.42
N ASP B 32 -10.93 3.20 -19.12
CA ASP B 32 -12.23 3.68 -18.69
C ASP B 32 -12.80 2.77 -17.60
N GLU B 33 -12.56 1.46 -17.73
CA GLU B 33 -13.19 0.47 -16.87
C GLU B 33 -12.29 0.13 -15.67
N HIS B 34 -10.98 0.07 -15.86
CA HIS B 34 -10.09 -0.52 -14.85
C HIS B 34 -9.28 0.55 -14.11
N LEU B 35 -9.10 1.74 -14.71
CA LEU B 35 -8.33 2.83 -14.05
C LEU B 35 -9.25 3.95 -13.54
N MET B 36 -10.20 4.39 -14.36
CA MET B 36 -11.05 5.54 -14.01
C MET B 36 -12.33 5.08 -13.28
N CYS B 37 -12.43 3.79 -12.97
CA CYS B 37 -13.56 3.26 -12.20
C CYS B 37 -13.46 3.77 -10.76
N GLU B 38 -14.61 4.07 -10.17
CA GLU B 38 -14.70 4.76 -8.90
C GLU B 38 -14.72 3.72 -7.77
N ILE B 39 -13.88 3.97 -6.77
CA ILE B 39 -13.87 3.16 -5.58
C ILE B 39 -14.54 3.97 -4.47
N GLU B 40 -15.65 3.42 -3.94
CA GLU B 40 -16.55 4.11 -3.04
C GLU B 40 -17.12 5.33 -3.78
N GLY B 41 -16.79 6.55 -3.34
CA GLY B 41 -17.29 7.75 -3.99
C GLY B 41 -16.49 8.14 -5.23
N ASN B 42 -15.16 8.25 -5.06
CA ASN B 42 -14.35 9.10 -5.94
C ASN B 42 -13.61 8.24 -6.97
N HIS B 43 -12.88 8.92 -7.85
CA HIS B 43 -12.01 8.27 -8.82
C HIS B 43 -10.81 9.18 -9.13
N LEU B 44 -9.87 8.65 -9.92
CA LEU B 44 -8.61 9.35 -10.24
C LEU B 44 -8.94 10.60 -11.05
N THR B 45 -8.06 11.60 -10.93
CA THR B 45 -8.15 12.86 -11.70
C THR B 45 -7.90 12.58 -13.18
N SER B 46 -6.84 11.84 -13.47
CA SER B 46 -6.50 11.40 -14.81
C SER B 46 -5.64 10.12 -14.76
N ALA B 47 -5.63 9.39 -15.87
CA ALA B 47 -4.96 8.10 -15.95
C ALA B 47 -4.57 7.81 -17.40
N ALA B 48 -3.50 7.04 -17.58
CA ALA B 48 -3.02 6.69 -18.90
C ALA B 48 -2.19 5.39 -18.88
N ILE B 49 -2.21 4.71 -20.03
CA ILE B 49 -1.32 3.63 -20.38
C ILE B 49 -0.45 4.14 -21.52
N ILE B 50 0.87 4.19 -21.33
CA ILE B 50 1.79 4.87 -22.22
C ILE B 50 2.92 3.89 -22.52
N GLY B 51 3.28 3.75 -23.81
CA GLY B 51 4.42 2.95 -24.18
C GLY B 51 5.66 3.54 -23.54
N GLN B 52 6.62 2.69 -23.17
CA GLN B 52 7.89 3.14 -22.64
C GLN B 52 8.64 3.97 -23.68
N ASP B 53 8.19 3.92 -24.94
CA ASP B 53 8.62 4.77 -26.04
C ASP B 53 8.11 6.22 -25.85
N GLY B 54 6.89 6.36 -25.31
CA GLY B 54 6.21 7.66 -25.18
C GLY B 54 4.84 7.65 -25.84
N SER B 55 4.52 6.57 -26.58
CA SER B 55 3.30 6.51 -27.35
C SER B 55 2.14 6.22 -26.38
N VAL B 56 1.19 7.14 -26.37
CA VAL B 56 -0.03 6.95 -25.64
C VAL B 56 -0.71 5.70 -26.22
N TRP B 57 -1.17 4.76 -25.38
CA TRP B 57 -1.99 3.66 -25.89
C TRP B 57 -3.46 4.06 -25.76
N ALA B 58 -3.80 4.54 -24.56
CA ALA B 58 -5.01 5.31 -24.30
C ALA B 58 -4.79 6.19 -23.06
N GLN B 59 -5.54 7.30 -23.01
CA GLN B 59 -5.60 8.17 -21.85
C GLN B 59 -7.08 8.48 -21.52
N SER B 60 -7.30 9.01 -20.31
CA SER B 60 -8.62 9.54 -19.87
C SER B 60 -8.78 10.99 -20.36
N GLN B 61 -10.04 11.46 -20.39
CA GLN B 61 -10.41 12.76 -20.99
C GLN B 61 -9.41 13.87 -20.61
N ASN B 62 -8.99 13.93 -19.34
CA ASN B 62 -8.24 15.10 -18.83
C ASN B 62 -6.80 14.75 -18.45
N PHE B 63 -6.20 13.72 -19.07
CA PHE B 63 -4.79 13.38 -18.80
C PHE B 63 -3.92 14.38 -19.57
N PRO B 64 -2.86 14.92 -18.94
CA PRO B 64 -1.99 15.88 -19.61
C PRO B 64 -1.18 15.24 -20.75
N GLN B 65 -0.95 16.02 -21.81
CA GLN B 65 0.09 15.69 -22.72
C GLN B 65 1.39 15.67 -21.91
N LEU B 66 2.27 14.75 -22.27
CA LEU B 66 3.29 14.23 -21.41
C LEU B 66 4.65 14.45 -22.09
N LYS B 67 5.36 15.51 -21.68
CA LYS B 67 6.59 15.95 -22.35
C LYS B 67 7.57 14.78 -22.46
N PRO B 68 8.44 14.77 -23.50
CA PRO B 68 9.31 13.62 -23.76
C PRO B 68 10.37 13.48 -22.64
N GLU B 69 10.93 14.62 -22.21
CA GLU B 69 11.89 14.71 -21.12
C GLU B 69 11.35 13.93 -19.91
N GLU B 70 10.03 14.02 -19.71
CA GLU B 70 9.37 13.41 -18.57
C GLU B 70 9.37 11.88 -18.68
N VAL B 71 8.96 11.36 -19.83
CA VAL B 71 8.83 9.92 -20.03
C VAL B 71 10.20 9.26 -19.83
N ALA B 72 11.25 9.87 -20.37
CA ALA B 72 12.63 9.41 -20.15
C ALA B 72 12.90 9.24 -18.65
N GLY B 73 12.78 10.33 -17.89
CA GLY B 73 13.08 10.37 -16.45
C GLY B 73 12.44 9.22 -15.72
N ILE B 74 11.19 8.93 -16.10
CA ILE B 74 10.39 7.82 -15.55
C ILE B 74 11.07 6.50 -15.90
N VAL B 75 11.31 6.27 -17.19
CA VAL B 75 11.71 4.95 -17.69
C VAL B 75 13.05 4.54 -17.08
N GLY B 76 13.94 5.53 -16.88
CA GLY B 76 15.33 5.31 -16.48
C GLY B 76 15.50 5.33 -14.97
N ASP B 77 14.41 5.58 -14.25
CA ASP B 77 14.37 5.47 -12.81
C ASP B 77 14.04 4.03 -12.40
N PHE B 78 13.47 3.25 -13.33
CA PHE B 78 13.18 1.84 -13.09
C PHE B 78 14.45 1.01 -13.29
N ALA B 79 15.24 1.37 -14.31
CA ALA B 79 16.52 0.71 -14.65
C ALA B 79 17.55 0.89 -13.52
N ASP B 80 17.71 2.14 -13.06
CA ASP B 80 18.58 2.50 -11.95
C ASP B 80 17.76 3.26 -10.91
N PRO B 81 17.09 2.54 -9.97
CA PRO B 81 16.31 3.16 -8.89
C PRO B 81 16.90 4.41 -8.21
N GLY B 82 16.06 5.44 -8.05
CA GLY B 82 16.39 6.66 -7.33
C GLY B 82 17.03 7.74 -8.21
N THR B 83 17.21 7.45 -9.50
CA THR B 83 17.85 8.39 -10.45
C THR B 83 17.08 9.71 -10.55
N LEU B 84 15.76 9.66 -10.34
CA LEU B 84 14.85 10.79 -10.58
C LEU B 84 14.75 11.68 -9.33
N ALA B 85 15.19 11.15 -8.18
CA ALA B 85 14.95 11.73 -6.85
C ALA B 85 15.28 13.22 -6.80
N PRO B 86 16.45 13.68 -7.31
CA PRO B 86 16.80 15.11 -7.24
C PRO B 86 15.76 16.02 -7.92
N THR B 87 15.44 15.73 -9.19
CA THR B 87 14.55 16.55 -10.00
C THR B 87 13.09 16.22 -9.62
N GLY B 88 12.82 14.92 -9.47
CA GLY B 88 11.54 14.42 -9.01
C GLY B 88 10.63 14.13 -10.19
N LEU B 89 9.49 13.51 -9.89
CA LEU B 89 8.53 13.05 -10.87
C LEU B 89 7.84 14.24 -11.52
N TYR B 90 8.12 14.39 -12.83
CA TYR B 90 7.47 15.37 -13.70
C TYR B 90 6.50 14.65 -14.64
N ILE B 91 5.23 15.07 -14.60
CA ILE B 91 4.14 14.58 -15.46
C ILE B 91 3.34 15.80 -15.94
N GLY B 92 3.45 16.10 -17.22
CA GLY B 92 2.77 17.22 -17.89
C GLY B 92 3.12 18.58 -17.29
N GLY B 93 4.40 18.79 -17.00
CA GLY B 93 4.87 20.01 -16.35
C GLY B 93 4.80 19.96 -14.83
N THR B 94 3.91 19.14 -14.27
CA THR B 94 3.65 19.17 -12.82
C THR B 94 4.76 18.41 -12.11
N LYS B 95 5.31 19.03 -11.04
CA LYS B 95 6.32 18.44 -10.14
C LYS B 95 5.60 17.66 -9.04
N TYR B 96 6.08 16.43 -8.80
CA TYR B 96 5.66 15.55 -7.71
C TYR B 96 6.92 15.08 -6.98
N MET B 97 6.96 15.21 -5.65
CA MET B 97 8.06 14.67 -4.87
C MET B 97 7.91 13.15 -4.85
N VAL B 98 9.06 12.47 -4.91
CA VAL B 98 9.18 11.00 -4.90
C VAL B 98 8.92 10.45 -3.48
N ILE B 99 7.83 9.70 -3.33
CA ILE B 99 7.52 8.86 -2.17
C ILE B 99 8.27 7.52 -2.32
N GLN B 100 8.28 6.70 -1.26
CA GLN B 100 8.75 5.30 -1.42
C GLN B 100 7.95 4.64 -2.56
N GLY B 101 8.70 4.16 -3.56
CA GLY B 101 8.15 3.35 -4.62
C GLY B 101 8.33 1.88 -4.30
N GLU B 102 8.35 1.05 -5.35
CA GLU B 102 8.96 -0.27 -5.32
C GLU B 102 10.15 -0.22 -6.26
N PRO B 103 11.27 -0.90 -5.93
CA PRO B 103 12.46 -0.86 -6.77
C PRO B 103 12.23 -1.49 -8.16
N GLY B 104 12.13 -0.62 -9.17
CA GLY B 104 12.05 -1.00 -10.59
C GLY B 104 10.65 -1.38 -11.05
N ALA B 105 9.62 -1.06 -10.26
CA ALA B 105 8.25 -1.56 -10.50
C ALA B 105 7.21 -0.45 -10.34
N VAL B 106 7.30 0.31 -9.23
CA VAL B 106 6.38 1.38 -8.99
C VAL B 106 7.17 2.62 -8.60
N ILE B 107 6.74 3.75 -9.17
CA ILE B 107 7.23 5.04 -8.78
C ILE B 107 6.01 5.82 -8.31
N ARG B 108 6.19 6.50 -7.16
CA ARG B 108 5.13 7.20 -6.50
C ARG B 108 5.57 8.65 -6.27
N GLY B 109 4.55 9.51 -6.34
CA GLY B 109 4.72 10.92 -6.38
C GLY B 109 3.69 11.59 -5.51
N LYS B 110 4.20 12.57 -4.76
CA LYS B 110 3.45 13.34 -3.79
C LYS B 110 3.48 14.82 -4.23
N LYS B 111 2.28 15.41 -4.31
CA LYS B 111 2.11 16.83 -4.55
C LYS B 111 0.96 17.31 -3.65
N GLY B 112 1.34 17.92 -2.52
CA GLY B 112 0.39 18.22 -1.49
C GLY B 112 -0.48 17.01 -1.19
N PRO B 113 -1.82 17.19 -1.12
CA PRO B 113 -2.73 16.10 -0.76
C PRO B 113 -2.83 15.05 -1.88
N GLY B 114 -2.82 15.51 -3.13
CA GLY B 114 -2.90 14.62 -4.34
C GLY B 114 -1.54 14.03 -4.71
N GLY B 115 -1.55 13.12 -5.69
CA GLY B 115 -0.30 12.56 -6.20
C GLY B 115 -0.49 11.75 -7.46
N ALA B 116 0.50 10.87 -7.68
CA ALA B 116 0.59 10.07 -8.85
C ALA B 116 1.27 8.73 -8.52
N THR B 117 0.83 7.69 -9.19
CA THR B 117 1.49 6.42 -9.20
C THR B 117 1.83 6.04 -10.65
N VAL B 118 3.04 5.52 -10.85
CA VAL B 118 3.49 5.05 -12.15
C VAL B 118 3.99 3.61 -12.01
N LYS B 119 3.29 2.66 -12.64
CA LYS B 119 3.61 1.24 -12.58
C LYS B 119 4.19 0.80 -13.92
N LYS B 120 5.38 0.20 -13.89
CA LYS B 120 6.10 -0.23 -15.11
C LYS B 120 5.60 -1.61 -15.56
N THR B 121 5.44 -1.79 -16.87
CA THR B 121 5.17 -3.13 -17.44
C THR B 121 6.33 -3.53 -18.35
N GLY B 122 6.18 -4.65 -19.06
CA GLY B 122 7.11 -5.00 -20.11
C GLY B 122 7.40 -3.80 -20.98
N MET B 123 6.34 -3.30 -21.64
CA MET B 123 6.44 -2.33 -22.74
C MET B 123 5.98 -0.95 -22.29
N ALA B 124 5.20 -0.87 -21.22
CA ALA B 124 4.37 0.30 -20.99
C ALA B 124 4.47 0.77 -19.52
N LEU B 125 3.76 1.87 -19.27
CA LEU B 125 3.63 2.50 -17.99
C LEU B 125 2.13 2.70 -17.76
N VAL B 126 1.67 2.34 -16.57
CA VAL B 126 0.33 2.67 -16.15
C VAL B 126 0.47 3.85 -15.22
N ILE B 127 -0.22 4.94 -15.53
CA ILE B 127 -0.07 6.13 -14.76
C ILE B 127 -1.45 6.54 -14.28
N GLY B 128 -1.56 6.79 -12.96
CA GLY B 128 -2.73 7.34 -12.35
C GLY B 128 -2.37 8.57 -11.53
N ILE B 129 -3.27 9.56 -11.54
CA ILE B 129 -3.04 10.79 -10.85
C ILE B 129 -4.28 11.07 -10.02
N TYR B 130 -4.07 11.28 -8.73
CA TYR B 130 -5.16 11.36 -7.79
C TYR B 130 -5.10 12.73 -7.16
N ASP B 131 -6.29 13.23 -6.85
CA ASP B 131 -6.44 14.37 -5.99
C ASP B 131 -7.37 13.96 -4.85
N GLU B 132 -7.15 14.57 -3.67
CA GLU B 132 -8.05 14.39 -2.53
C GLU B 132 -9.48 14.67 -3.02
N PRO B 133 -10.49 14.05 -2.39
CA PRO B 133 -10.35 13.19 -1.22
C PRO B 133 -9.85 11.76 -1.47
N MET B 134 -9.44 11.46 -2.70
CA MET B 134 -8.91 10.15 -3.05
C MET B 134 -7.52 9.99 -2.42
N THR B 135 -7.21 8.76 -2.00
CA THR B 135 -6.05 8.47 -1.20
C THR B 135 -4.93 7.89 -2.05
N PRO B 136 -3.68 7.89 -1.55
CA PRO B 136 -2.58 7.24 -2.25
C PRO B 136 -2.90 5.74 -2.40
N GLY B 137 -3.48 5.18 -1.35
CA GLY B 137 -3.82 3.79 -1.30
C GLY B 137 -4.71 3.36 -2.46
N GLN B 138 -5.73 4.19 -2.75
CA GLN B 138 -6.75 3.88 -3.70
C GLN B 138 -6.15 3.98 -5.10
N CYS B 139 -5.19 4.91 -5.26
CA CYS B 139 -4.48 5.13 -6.50
C CYS B 139 -3.51 3.98 -6.76
N ASN B 140 -2.77 3.59 -5.72
CA ASN B 140 -1.83 2.49 -5.76
C ASN B 140 -2.54 1.18 -6.15
N MET B 141 -3.72 0.97 -5.57
CA MET B 141 -4.53 -0.21 -5.79
C MET B 141 -4.80 -0.40 -7.29
N ILE B 142 -5.27 0.68 -7.90
CA ILE B 142 -5.87 0.69 -9.19
C ILE B 142 -4.76 0.61 -10.26
N VAL B 143 -3.73 1.44 -10.10
CA VAL B 143 -2.64 1.49 -11.04
C VAL B 143 -1.81 0.20 -10.98
N GLU B 144 -1.46 -0.27 -9.78
CA GLU B 144 -0.56 -1.46 -9.68
C GLU B 144 -1.29 -2.76 -10.06
N ARG B 145 -2.57 -2.87 -9.73
CA ARG B 145 -3.44 -4.03 -10.09
C ARG B 145 -3.48 -4.21 -11.60
N LEU B 146 -3.81 -3.13 -12.34
CA LEU B 146 -3.81 -3.19 -13.80
C LEU B 146 -2.43 -3.59 -14.30
N GLY B 147 -1.41 -2.92 -13.77
CA GLY B 147 -0.05 -3.17 -14.15
C GLY B 147 0.26 -4.66 -14.18
N ASP B 148 -0.02 -5.33 -13.05
CA ASP B 148 0.31 -6.75 -12.82
C ASP B 148 -0.48 -7.65 -13.78
N TYR B 149 -1.68 -7.20 -14.19
CA TYR B 149 -2.43 -7.88 -15.25
C TYR B 149 -1.68 -7.82 -16.59
N LEU B 150 -1.34 -6.61 -17.04
CA LEU B 150 -0.66 -6.41 -18.29
C LEU B 150 0.65 -7.19 -18.31
N ILE B 151 1.34 -7.30 -17.17
CA ILE B 151 2.61 -7.99 -17.12
C ILE B 151 2.37 -9.49 -17.40
N ASP B 152 1.38 -10.06 -16.70
CA ASP B 152 0.99 -11.46 -16.81
C ASP B 152 0.73 -11.83 -18.27
N GLN B 153 0.24 -10.84 -19.03
CA GLN B 153 -0.16 -11.00 -20.42
C GLN B 153 0.97 -10.66 -21.39
N GLY B 154 2.18 -10.37 -20.90
CA GLY B 154 3.36 -10.22 -21.77
C GLY B 154 3.65 -8.77 -22.18
N LEU B 155 2.78 -7.84 -21.74
CA LEU B 155 2.88 -6.44 -22.07
C LEU B 155 3.62 -5.69 -20.95
N SER C 26 15.25 13.68 -3.07
CA SER C 26 13.81 13.30 -2.90
C SER C 26 13.42 13.56 -1.43
N TRP C 27 12.48 12.77 -0.92
CA TRP C 27 12.27 12.76 0.52
C TRP C 27 13.38 11.93 1.19
N GLN C 28 14.12 11.13 0.38
CA GLN C 28 15.22 10.34 0.91
C GLN C 28 16.34 11.27 1.40
N VAL C 29 16.74 12.24 0.57
CA VAL C 29 17.76 13.19 0.97
C VAL C 29 17.42 13.74 2.36
N TYR C 30 16.13 14.01 2.61
CA TYR C 30 15.66 14.57 3.87
C TYR C 30 15.80 13.56 5.01
N VAL C 31 15.79 12.26 4.71
CA VAL C 31 15.95 11.26 5.75
C VAL C 31 17.44 10.93 5.96
N ASP C 32 18.23 10.95 4.88
CA ASP C 32 19.60 10.52 4.92
C ASP C 32 20.49 11.62 5.51
N GLU C 33 20.17 12.88 5.19
CA GLU C 33 21.03 14.01 5.52
C GLU C 33 20.62 14.66 6.85
N HIS C 34 19.31 14.75 7.13
CA HIS C 34 18.82 15.57 8.23
C HIS C 34 18.36 14.73 9.43
N LEU C 35 18.03 13.44 9.22
CA LEU C 35 17.59 12.57 10.34
C LEU C 35 18.68 11.56 10.72
N MET C 36 19.30 10.89 9.74
CA MET C 36 20.25 9.81 10.01
C MET C 36 21.69 10.36 10.13
N CYS C 37 21.85 11.68 10.08
CA CYS C 37 23.16 12.30 10.25
C CYS C 37 23.60 12.15 11.71
N GLU C 38 24.91 11.93 11.90
CA GLU C 38 25.46 11.56 13.20
C GLU C 38 25.81 12.84 13.96
N ILE C 39 25.40 12.88 15.23
CA ILE C 39 25.79 13.93 16.12
C ILE C 39 26.85 13.36 17.07
N GLU C 40 28.05 13.94 17.01
CA GLU C 40 29.25 13.37 17.62
C GLU C 40 29.49 11.98 17.04
N GLY C 41 29.41 10.93 17.86
CA GLY C 41 29.63 9.55 17.43
C GLY C 41 28.41 8.94 16.76
N ASN C 42 27.26 9.04 17.45
CA ASN C 42 26.10 8.20 17.27
C ASN C 42 25.16 8.74 16.19
N HIS C 43 24.21 7.89 15.76
CA HIS C 43 23.05 8.32 15.01
C HIS C 43 21.86 7.41 15.36
N LEU C 44 20.68 7.77 14.85
CA LEU C 44 19.44 7.06 15.13
C LEU C 44 19.53 5.65 14.57
N THR C 45 18.79 4.73 15.21
CA THR C 45 18.64 3.34 14.78
C THR C 45 17.87 3.28 13.46
N SER C 46 16.75 4.00 13.39
CA SER C 46 15.94 4.12 12.20
C SER C 46 15.11 5.41 12.25
N ALA C 47 14.68 5.87 11.08
CA ALA C 47 13.98 7.14 10.95
C ALA C 47 13.10 7.13 9.70
N ALA C 48 12.01 7.90 9.73
CA ALA C 48 11.08 7.96 8.62
C ALA C 48 10.27 9.26 8.65
N ILE C 49 9.83 9.65 7.45
CA ILE C 49 8.83 10.67 7.21
C ILE C 49 7.63 9.94 6.61
N ILE C 50 6.49 9.99 7.28
CA ILE C 50 5.33 9.16 6.94
C ILE C 50 4.13 10.11 6.84
N GLY C 51 3.34 9.97 5.76
CA GLY C 51 2.10 10.71 5.65
C GLY C 51 1.19 10.32 6.80
N GLN C 52 0.39 11.27 7.30
CA GLN C 52 -0.60 10.99 8.33
C GLN C 52 -1.64 9.99 7.81
N ASP C 53 -1.64 9.77 6.48
CA ASP C 53 -2.41 8.70 5.80
C ASP C 53 -1.83 7.32 6.12
N GLY C 54 -0.49 7.24 6.23
CA GLY C 54 0.24 5.99 6.42
C GLY C 54 1.30 5.77 5.34
N SER C 55 1.30 6.64 4.32
CA SER C 55 2.18 6.46 3.17
C SER C 55 3.59 6.93 3.57
N VAL C 56 4.53 6.00 3.49
CA VAL C 56 5.92 6.31 3.65
C VAL C 56 6.27 7.35 2.61
N TRP C 57 6.96 8.44 3.00
CA TRP C 57 7.49 9.38 1.99
C TRP C 57 8.92 8.95 1.66
N ALA C 58 9.70 8.73 2.72
CA ALA C 58 10.95 7.99 2.70
C ALA C 58 11.22 7.41 4.09
N GLN C 59 12.00 6.32 4.13
CA GLN C 59 12.50 5.72 5.37
C GLN C 59 14.00 5.44 5.24
N SER C 60 14.66 5.17 6.37
CA SER C 60 16.06 4.71 6.42
C SER C 60 16.12 3.19 6.25
N GLN C 61 17.31 2.67 5.89
CA GLN C 61 17.53 1.26 5.52
C GLN C 61 16.78 0.31 6.47
N ASN C 62 16.82 0.57 7.79
CA ASN C 62 16.36 -0.43 8.78
C ASN C 62 15.11 0.04 9.54
N PHE C 63 14.28 0.92 8.94
CA PHE C 63 13.05 1.38 9.62
C PHE C 63 12.02 0.27 9.47
N PRO C 64 11.26 -0.07 10.54
CA PRO C 64 10.26 -1.13 10.46
C PRO C 64 9.07 -0.73 9.58
N GLN C 65 8.52 -1.71 8.86
CA GLN C 65 7.21 -1.54 8.32
C GLN C 65 6.28 -1.34 9.52
N LEU C 66 5.28 -0.49 9.30
CA LEU C 66 4.61 0.24 10.34
C LEU C 66 3.12 -0.06 10.25
N LYS C 67 2.63 -0.97 11.10
CA LYS C 67 1.25 -1.45 11.02
C LYS C 67 0.26 -0.27 10.96
N PRO C 68 -0.91 -0.44 10.31
CA PRO C 68 -1.85 0.67 10.12
C PRO C 68 -2.46 1.08 11.47
N GLU C 69 -2.81 0.08 12.30
CA GLU C 69 -3.31 0.26 13.65
C GLU C 69 -2.41 1.28 14.39
N GLU C 70 -1.10 1.18 14.15
CA GLU C 70 -0.12 1.99 14.83
C GLU C 70 -0.22 3.46 14.38
N VAL C 71 -0.27 3.70 13.07
CA VAL C 71 -0.27 5.05 12.54
C VAL C 71 -1.49 5.79 13.06
N ALA C 72 -2.65 5.13 13.07
CA ALA C 72 -3.87 5.67 13.66
C ALA C 72 -3.61 6.20 15.08
N GLY C 73 -3.18 5.29 15.96
CA GLY C 73 -2.96 5.59 17.38
C GLY C 73 -2.13 6.84 17.57
N ILE C 74 -1.11 6.99 16.72
CA ILE C 74 -0.22 8.15 16.68
C ILE C 74 -1.03 9.39 16.30
N VAL C 75 -1.73 9.34 15.17
CA VAL C 75 -2.34 10.54 14.57
C VAL C 75 -3.40 11.12 15.53
N GLY C 76 -4.11 10.23 16.24
CA GLY C 76 -5.26 10.59 17.06
C GLY C 76 -4.88 10.92 18.50
N ASP C 77 -3.59 10.80 18.81
CA ASP C 77 -3.04 11.22 20.08
C ASP C 77 -2.65 12.70 20.01
N PHE C 78 -2.48 13.23 18.80
CA PHE C 78 -2.18 14.65 18.59
C PHE C 78 -3.48 15.46 18.69
N ALA C 79 -4.56 14.92 18.13
CA ALA C 79 -5.90 15.55 18.14
C ALA C 79 -6.45 15.67 19.57
N ASP C 80 -6.38 14.56 20.32
CA ASP C 80 -6.78 14.48 21.73
C ASP C 80 -5.61 13.94 22.54
N PRO C 81 -4.67 14.82 22.99
CA PRO C 81 -3.53 14.42 23.82
C PRO C 81 -3.77 13.38 24.93
N GLY C 82 -2.88 12.38 24.99
CA GLY C 82 -2.88 11.36 26.04
C GLY C 82 -3.74 10.15 25.71
N THR C 83 -4.39 10.14 24.54
CA THR C 83 -5.29 9.05 24.11
C THR C 83 -4.55 7.70 24.05
N LEU C 84 -3.23 7.75 23.76
CA LEU C 84 -2.43 6.57 23.47
C LEU C 84 -1.90 5.93 24.76
N ALA C 85 -1.91 6.70 25.85
CA ALA C 85 -1.19 6.42 27.10
C ALA C 85 -1.44 4.99 27.58
N PRO C 86 -2.70 4.48 27.64
CA PRO C 86 -2.96 3.11 28.11
C PRO C 86 -2.17 2.04 27.35
N THR C 87 -2.31 2.01 26.02
CA THR C 87 -1.66 1.01 25.17
C THR C 87 -0.20 1.39 24.95
N GLY C 88 0.01 2.68 24.68
CA GLY C 88 1.32 3.28 24.52
C GLY C 88 1.74 3.26 23.06
N LEU C 89 2.87 3.90 22.78
CA LEU C 89 3.40 4.08 21.45
C LEU C 89 3.86 2.74 20.88
N TYR C 90 3.15 2.29 19.83
CA TYR C 90 3.49 1.11 19.04
C TYR C 90 4.02 1.57 17.66
N ILE C 91 5.25 1.15 17.35
CA ILE C 91 5.93 1.38 16.08
C ILE C 91 6.58 0.06 15.64
N GLY C 92 6.02 -0.53 14.58
CA GLY C 92 6.49 -1.77 14.00
C GLY C 92 6.46 -2.94 14.96
N GLY C 93 5.37 -3.05 15.72
CA GLY C 93 5.20 -4.09 16.73
C GLY C 93 5.79 -3.70 18.10
N THR C 94 6.79 -2.80 18.11
CA THR C 94 7.53 -2.53 19.32
C THR C 94 6.72 -1.57 20.20
N LYS C 95 6.61 -1.92 21.50
CA LYS C 95 5.98 -1.11 22.55
C LYS C 95 7.00 -0.12 23.11
N TYR C 96 6.58 1.15 23.22
CA TYR C 96 7.31 2.23 23.86
C TYR C 96 6.36 2.90 24.86
N MET C 97 6.81 3.09 26.11
CA MET C 97 6.03 3.83 27.09
C MET C 97 6.11 5.31 26.71
N VAL C 98 4.98 6.01 26.89
CA VAL C 98 4.80 7.45 26.65
C VAL C 98 5.53 8.28 27.73
N ILE C 99 6.56 9.01 27.30
CA ILE C 99 7.24 10.06 28.06
C ILE C 99 6.45 11.35 27.89
N GLN C 100 6.78 12.40 28.66
CA GLN C 100 6.23 13.75 28.37
C GLN C 100 6.55 14.09 26.90
N GLY C 101 5.49 14.38 26.15
CA GLY C 101 5.59 14.89 24.80
C GLY C 101 5.47 16.40 24.83
N GLU C 102 5.04 16.97 23.69
CA GLU C 102 4.44 18.29 23.64
C GLU C 102 2.98 18.10 23.21
N PRO C 103 2.04 18.92 23.75
CA PRO C 103 0.63 18.77 23.41
C PRO C 103 0.33 19.03 21.93
N GLY C 104 0.08 17.95 21.20
CA GLY C 104 -0.37 17.97 19.79
C GLY C 104 0.75 18.18 18.79
N ALA C 105 2.02 17.99 19.22
CA ALA C 105 3.20 18.39 18.41
C ALA C 105 4.27 17.29 18.44
N VAL C 106 4.60 16.79 19.63
CA VAL C 106 5.58 15.76 19.76
C VAL C 106 5.03 14.67 20.67
N ILE C 107 5.28 13.43 20.26
CA ILE C 107 5.03 12.28 21.07
C ILE C 107 6.37 11.58 21.27
N ARG C 108 6.63 11.19 22.52
CA ARG C 108 7.88 10.60 22.91
C ARG C 108 7.62 9.26 23.60
N GLY C 109 8.57 8.36 23.37
CA GLY C 109 8.46 6.99 23.71
C GLY C 109 9.76 6.51 24.31
N LYS C 110 9.60 5.73 25.38
CA LYS C 110 10.66 5.16 26.17
C LYS C 110 10.53 3.63 26.12
N LYS C 111 11.64 2.97 25.76
CA LYS C 111 11.79 1.54 25.80
C LYS C 111 13.19 1.23 26.32
N GLY C 112 13.28 0.90 27.62
CA GLY C 112 14.53 0.81 28.29
C GLY C 112 15.41 2.02 27.97
N PRO C 113 16.69 1.80 27.58
CA PRO C 113 17.62 2.89 27.34
C PRO C 113 17.27 3.67 26.06
N GLY C 114 16.83 2.95 25.03
CA GLY C 114 16.43 3.52 23.72
C GLY C 114 15.00 4.06 23.73
N GLY C 115 14.62 4.72 22.62
CA GLY C 115 13.26 5.19 22.49
C GLY C 115 12.95 5.71 21.08
N ALA C 116 11.92 6.56 21.04
CA ALA C 116 11.40 7.08 19.82
C ALA C 116 10.83 8.49 20.05
N THR C 117 10.97 9.34 19.04
CA THR C 117 10.29 10.60 18.98
C THR C 117 9.44 10.65 17.70
N VAL C 118 8.21 11.16 17.84
CA VAL C 118 7.32 11.36 16.71
C VAL C 118 6.86 12.82 16.70
N LYS C 119 7.25 13.56 15.65
CA LYS C 119 6.91 14.98 15.50
C LYS C 119 5.87 15.12 14.40
N LYS C 120 4.73 15.76 14.71
CA LYS C 120 3.61 15.90 13.77
C LYS C 120 3.83 17.14 12.88
N THR C 121 3.51 17.01 11.57
CA THR C 121 3.53 18.18 10.68
C THR C 121 2.09 18.40 10.16
N GLY C 122 1.94 19.32 9.21
CA GLY C 122 0.69 19.48 8.51
C GLY C 122 0.16 18.11 8.09
N MET C 123 0.94 17.45 7.23
CA MET C 123 0.50 16.27 6.48
C MET C 123 1.13 14.98 7.02
N ALA C 124 2.25 15.13 7.75
CA ALA C 124 3.16 14.01 7.93
C ALA C 124 3.58 13.89 9.41
N LEU C 125 4.39 12.86 9.64
CA LEU C 125 5.01 12.52 10.88
C LEU C 125 6.50 12.35 10.60
N VAL C 126 7.35 12.93 11.43
CA VAL C 126 8.75 12.64 11.41
C VAL C 126 9.00 11.70 12.58
N ILE C 127 9.58 10.54 12.28
CA ILE C 127 9.76 9.56 13.30
C ILE C 127 11.23 9.21 13.35
N GLY C 128 11.81 9.25 14.57
CA GLY C 128 13.16 8.82 14.86
C GLY C 128 13.14 7.81 15.99
N ILE C 129 13.99 6.79 15.87
CA ILE C 129 14.09 5.76 16.87
C ILE C 129 15.56 5.64 17.26
N TYR C 130 15.82 5.72 18.55
CA TYR C 130 17.18 5.80 19.04
C TYR C 130 17.40 4.62 19.95
N ASP C 131 18.65 4.16 19.94
CA ASP C 131 19.13 3.22 20.91
C ASP C 131 20.40 3.82 21.53
N GLU C 132 20.64 3.49 22.80
CA GLU C 132 21.88 3.88 23.47
C GLU C 132 23.05 3.45 22.57
N PRO C 133 24.19 4.15 22.65
CA PRO C 133 24.45 5.25 23.58
C PRO C 133 23.80 6.61 23.26
N MET C 134 22.98 6.65 22.20
CA MET C 134 22.32 7.87 21.77
C MET C 134 21.23 8.21 22.80
N THR C 135 21.05 9.53 23.01
CA THR C 135 20.23 10.05 24.09
C THR C 135 18.87 10.47 23.57
N PRO C 136 17.86 10.64 24.46
CA PRO C 136 16.56 11.17 24.04
C PRO C 136 16.76 12.58 23.46
N GLY C 137 17.66 13.33 24.10
CA GLY C 137 17.94 14.68 23.71
C GLY C 137 18.36 14.80 22.25
N GLN C 138 19.24 13.88 21.82
CA GLN C 138 19.86 13.91 20.53
C GLN C 138 18.80 13.55 19.49
N CYS C 139 17.88 12.66 19.87
CA CYS C 139 16.80 12.20 19.04
C CYS C 139 15.75 13.29 18.88
N ASN C 140 15.40 13.93 20.01
CA ASN C 140 14.45 15.03 20.06
C ASN C 140 14.92 16.18 19.15
N MET C 141 16.22 16.46 19.20
CA MET C 141 16.86 17.54 18.46
C MET C 141 16.59 17.38 16.97
N ILE C 142 16.85 16.17 16.50
CA ILE C 142 16.93 15.84 15.12
C ILE C 142 15.53 15.73 14.54
N VAL C 143 14.65 15.01 15.22
CA VAL C 143 13.29 14.81 14.76
C VAL C 143 12.49 16.12 14.81
N GLU C 144 12.57 16.87 15.90
CA GLU C 144 11.72 18.08 16.05
C GLU C 144 12.22 19.24 15.15
N ARG C 145 13.53 19.36 14.99
CA ARG C 145 14.16 20.39 14.11
C ARG C 145 13.68 20.23 12.66
N LEU C 146 13.75 19.00 12.13
CA LEU C 146 13.26 18.71 10.79
C LEU C 146 11.78 19.05 10.74
N GLY C 147 11.04 18.54 11.72
CA GLY C 147 9.61 18.76 11.79
C GLY C 147 9.25 20.21 11.54
N ASP C 148 9.87 21.11 12.32
CA ASP C 148 9.58 22.54 12.31
C ASP C 148 9.95 23.17 10.95
N TYR C 149 10.93 22.60 10.26
CA TYR C 149 11.23 22.96 8.89
C TYR C 149 10.04 22.63 7.95
N LEU C 150 9.63 21.37 7.94
CA LEU C 150 8.55 20.92 7.09
C LEU C 150 7.28 21.71 7.37
N ILE C 151 7.06 22.10 8.63
CA ILE C 151 5.86 22.85 8.97
C ILE C 151 5.92 24.23 8.30
N ASP C 152 7.06 24.91 8.43
CA ASP C 152 7.33 26.23 7.88
C ASP C 152 7.02 26.24 6.38
N GLN C 153 7.25 25.09 5.74
CA GLN C 153 7.10 24.92 4.31
C GLN C 153 5.71 24.41 3.90
N GLY C 154 4.76 24.29 4.85
CA GLY C 154 3.36 23.99 4.55
C GLY C 154 3.03 22.50 4.58
N LEU C 155 4.03 21.67 4.87
CA LEU C 155 3.89 20.24 4.91
C LEU C 155 3.63 19.80 6.36
#